data_2HG1
#
_entry.id   2HG1
#
_cell.length_a   65.19
_cell.length_b   84.43
_cell.length_c   94.82
_cell.angle_alpha   90.00
_cell.angle_beta   90.00
_cell.angle_gamma   90.00
#
_symmetry.space_group_name_H-M   'P 21 21 21'
#
loop_
_entity.id
_entity.type
_entity.pdbx_description
1 polymer Endoplasmin
2 non-polymer "5'-N-(2-HYDROXYL)ETHYL CARBOXYAMIDO ADENOSINE"
3 non-polymer 'TETRAETHYLENE GLYCOL'
4 non-polymer 'MAGNESIUM ION'
5 non-polymer 'PENTAETHYLENE GLYCOL'
6 water water
#
_entity_poly.entity_id   1
_entity_poly.type   'polypeptide(L)'
_entity_poly.pdbx_seq_one_letter_code
;GSHMLREKSEKFAFQAEVNRMMKLIINSLYKNKEIFLRELISNASDALDKIRLISLTDENALAGNEELTVKIKCDKEKNL
LHVTDTGVGMTREELVKNLGTIAKSGTSEFLNKMTEAQEDGQSTSELIGQFGVGFYSAFLVADKVIVTSKHNNDTQHIWE
SDSNEFSVIADPRGNTLGRGTTITLVLKEEASDYLELDTIKNLVKKYSQFINFPIYVWSSKTGGGGKTVWDWELMN
;
_entity_poly.pdbx_strand_id   A,B
#
loop_
_chem_comp.id
_chem_comp.type
_chem_comp.name
_chem_comp.formula
1PE non-polymer 'PENTAETHYLENE GLYCOL' 'C10 H22 O6'
MG non-polymer 'MAGNESIUM ION' 'Mg 2'
N5O non-polymer '5'-N-(2-HYDROXYL)ETHYL CARBOXYAMIDO ADENOSINE' 'C12 H16 N6 O5'
PG4 non-polymer 'TETRAETHYLENE GLYCOL' 'C8 H18 O5'
#
# COMPACT_ATOMS: atom_id res chain seq x y z
N GLY A 1 10.47 29.54 -11.42
CA GLY A 1 10.59 28.43 -10.42
C GLY A 1 9.43 27.45 -10.48
N SER A 2 9.01 27.09 -11.70
CA SER A 2 7.91 26.16 -11.88
C SER A 2 8.41 24.74 -12.17
N HIS A 3 9.72 24.58 -12.30
CA HIS A 3 10.32 23.28 -12.59
C HIS A 3 9.90 22.19 -11.62
N MET A 4 9.77 22.54 -10.34
CA MET A 4 9.43 21.58 -9.29
C MET A 4 8.01 21.01 -9.33
N LEU A 5 7.03 21.84 -9.60
CA LEU A 5 5.64 21.36 -9.68
C LEU A 5 5.34 20.72 -11.02
N ARG A 6 5.95 21.24 -12.08
CA ARG A 6 5.73 20.69 -13.42
C ARG A 6 6.36 19.32 -13.56
N GLU A 7 7.40 19.05 -12.77
CA GLU A 7 8.08 17.76 -12.79
C GLU A 7 7.65 16.85 -11.62
N LYS A 8 6.86 17.40 -10.70
CA LYS A 8 6.36 16.67 -9.53
C LYS A 8 7.44 15.96 -8.71
N SER A 9 8.62 16.58 -8.62
CA SER A 9 9.74 16.00 -7.88
C SER A 9 9.57 15.98 -6.36
N GLU A 10 8.39 16.35 -5.90
CA GLU A 10 8.09 16.38 -4.48
C GLU A 10 7.33 15.12 -4.07
N LYS A 11 6.90 14.34 -5.05
CA LYS A 11 6.14 13.11 -4.79
C LYS A 11 7.04 11.88 -4.71
N PHE A 12 6.82 11.05 -3.69
CA PHE A 12 7.62 9.84 -3.51
C PHE A 12 6.74 8.65 -3.21
N ALA A 13 7.32 7.47 -3.39
CA ALA A 13 6.63 6.22 -3.08
C ALA A 13 7.33 5.64 -1.85
N PHE A 14 6.58 4.94 -1.02
CA PHE A 14 7.19 4.32 0.15
C PHE A 14 7.98 3.10 -0.28
N GLN A 15 8.96 2.72 0.52
CA GLN A 15 9.75 1.53 0.24
C GLN A 15 8.83 0.34 0.53
N ALA A 16 8.94 -0.73 -0.27
CA ALA A 16 8.11 -1.91 -0.09
C ALA A 16 8.02 -2.34 1.38
N GLU A 17 9.17 -2.46 2.03
CA GLU A 17 9.25 -2.86 3.43
C GLU A 17 8.39 -1.97 4.33
N VAL A 18 8.36 -0.68 4.04
CA VAL A 18 7.58 0.25 4.84
C VAL A 18 6.09 0.00 4.63
N ASN A 19 5.68 -0.31 3.40
CA ASN A 19 4.27 -0.60 3.13
C ASN A 19 3.87 -1.83 3.93
N ARG A 20 4.68 -2.88 3.86
CA ARG A 20 4.39 -4.11 4.60
C ARG A 20 4.33 -3.82 6.10
N MET A 21 5.19 -2.91 6.55
N MET A 21 5.21 -2.92 6.56
CA MET A 21 5.27 -2.53 7.95
CA MET A 21 5.30 -2.55 7.97
C MET A 21 3.98 -1.85 8.39
C MET A 21 4.04 -1.80 8.43
N MET A 22 3.56 -0.86 7.62
CA MET A 22 2.36 -0.10 7.95
C MET A 22 1.17 -1.04 8.14
N LYS A 23 1.05 -2.05 7.27
CA LYS A 23 -0.02 -3.01 7.34
C LYS A 23 0.04 -3.83 8.62
N LEU A 24 1.21 -4.38 8.93
CA LEU A 24 1.38 -5.16 10.15
C LEU A 24 1.00 -4.33 11.37
N ILE A 25 1.55 -3.12 11.45
CA ILE A 25 1.26 -2.23 12.56
C ILE A 25 -0.23 -1.92 12.67
N ILE A 26 -0.83 -1.55 11.55
CA ILE A 26 -2.25 -1.21 11.49
C ILE A 26 -3.17 -2.38 11.78
N ASN A 27 -2.78 -3.59 11.39
CA ASN A 27 -3.62 -4.75 11.63
C ASN A 27 -3.57 -5.26 13.06
N SER A 28 -2.36 -5.34 13.62
CA SER A 28 -2.19 -5.83 14.98
C SER A 28 -2.75 -4.92 16.07
N LEU A 29 -2.57 -3.62 15.94
CA LEU A 29 -3.06 -2.67 16.94
C LEU A 29 -4.49 -2.20 16.70
N TYR A 30 -5.22 -2.90 15.83
CA TYR A 30 -6.60 -2.53 15.52
C TYR A 30 -7.50 -2.39 16.74
N LYS A 31 -7.26 -3.22 17.76
CA LYS A 31 -8.08 -3.19 18.96
C LYS A 31 -7.54 -2.25 20.04
N ASN A 32 -6.32 -1.76 19.83
CA ASN A 32 -5.67 -0.87 20.80
C ASN A 32 -5.18 0.39 20.09
N LYS A 33 -6.08 1.05 19.37
CA LYS A 33 -5.74 2.25 18.59
C LYS A 33 -5.11 3.43 19.33
N GLU A 34 -5.47 3.62 20.60
CA GLU A 34 -4.95 4.75 21.38
C GLU A 34 -3.43 4.78 21.53
N ILE A 35 -2.78 3.66 21.27
CA ILE A 35 -1.32 3.54 21.39
C ILE A 35 -0.57 4.53 20.49
N PHE A 36 -1.22 5.02 19.45
CA PHE A 36 -0.56 5.95 18.53
C PHE A 36 -0.05 7.18 19.26
N LEU A 37 -0.87 7.72 20.16
CA LEU A 37 -0.49 8.92 20.88
C LEU A 37 0.77 8.65 21.69
N ARG A 38 0.82 7.49 22.33
CA ARG A 38 1.97 7.11 23.12
C ARG A 38 3.25 7.08 22.28
N GLU A 39 3.14 6.56 21.05
CA GLU A 39 4.30 6.46 20.15
C GLU A 39 4.73 7.82 19.61
N LEU A 40 3.78 8.74 19.42
CA LEU A 40 4.14 10.06 18.93
C LEU A 40 4.90 10.80 20.03
N ILE A 41 4.35 10.76 21.25
CA ILE A 41 5.00 11.40 22.39
C ILE A 41 6.40 10.80 22.61
N SER A 42 6.52 9.50 22.40
CA SER A 42 7.79 8.80 22.56
C SER A 42 8.77 9.26 21.48
N ASN A 43 8.29 9.45 20.26
CA ASN A 43 9.17 9.92 19.21
C ASN A 43 9.56 11.35 19.53
N ALA A 44 8.65 12.09 20.13
CA ALA A 44 8.95 13.47 20.49
C ALA A 44 10.05 13.48 21.53
N SER A 45 9.93 12.61 22.52
CA SER A 45 10.92 12.51 23.58
C SER A 45 12.31 12.25 23.02
N ASP A 46 12.41 11.32 22.08
CA ASP A 46 13.69 11.00 21.48
C ASP A 46 14.28 12.21 20.77
N ALA A 47 13.44 12.91 20.01
CA ALA A 47 13.85 14.10 19.27
C ALA A 47 14.39 15.16 20.22
N LEU A 48 13.80 15.22 21.41
CA LEU A 48 14.22 16.20 22.41
C LEU A 48 15.56 15.79 23.04
N ASP A 49 15.77 14.49 23.26
CA ASP A 49 17.04 14.02 23.83
C ASP A 49 18.17 14.35 22.86
N LYS A 50 17.91 14.11 21.58
N LYS A 50 17.92 14.11 21.57
CA LYS A 50 18.90 14.37 20.55
CA LYS A 50 18.91 14.37 20.54
C LYS A 50 19.36 15.82 20.52
C LYS A 50 19.37 15.82 20.52
N ILE A 51 18.43 16.76 20.54
CA ILE A 51 18.80 18.17 20.51
C ILE A 51 19.51 18.56 21.79
N ARG A 52 19.12 17.93 22.89
CA ARG A 52 19.73 18.19 24.19
C ARG A 52 21.19 17.72 24.17
N LEU A 53 21.44 16.59 23.51
CA LEU A 53 22.79 16.08 23.42
C LEU A 53 23.61 17.01 22.55
N ILE A 54 23.03 17.43 21.44
CA ILE A 54 23.71 18.33 20.53
C ILE A 54 23.99 19.66 21.24
N SER A 55 23.10 20.09 22.12
CA SER A 55 23.31 21.34 22.83
C SER A 55 24.54 21.29 23.74
N LEU A 56 24.94 20.08 24.14
CA LEU A 56 26.11 19.90 25.00
C LEU A 56 27.41 20.31 24.31
N THR A 57 27.53 19.97 23.03
CA THR A 57 28.73 20.26 22.26
C THR A 57 28.59 21.39 21.22
N ASP A 58 27.38 21.83 20.97
CA ASP A 58 27.11 22.89 20.00
C ASP A 58 26.45 24.09 20.70
N GLU A 59 27.24 25.15 20.91
CA GLU A 59 26.76 26.35 21.60
C GLU A 59 25.54 27.01 20.99
N ASN A 60 25.33 26.84 19.69
CA ASN A 60 24.18 27.46 19.04
C ASN A 60 23.05 26.48 18.73
N ALA A 61 22.98 25.40 19.48
CA ALA A 61 21.96 24.38 19.27
C ALA A 61 20.53 24.85 19.44
N LEU A 62 20.24 25.52 20.55
CA LEU A 62 18.88 25.96 20.84
C LEU A 62 18.49 27.36 20.36
N ALA A 63 19.29 27.94 19.47
CA ALA A 63 19.03 29.28 18.95
C ALA A 63 17.62 29.50 18.38
N GLY A 64 17.15 28.55 17.56
CA GLY A 64 15.85 28.66 16.95
C GLY A 64 14.63 28.53 17.85
N ASN A 65 14.84 28.09 19.09
CA ASN A 65 13.75 27.91 20.05
C ASN A 65 14.38 27.41 21.34
N GLU A 66 14.48 28.29 22.34
CA GLU A 66 15.11 27.95 23.61
C GLU A 66 14.42 26.94 24.52
N GLU A 67 13.18 26.57 24.23
CA GLU A 67 12.51 25.61 25.09
C GLU A 67 12.64 24.15 24.61
N LEU A 68 12.39 23.24 25.55
CA LEU A 68 12.44 21.80 25.28
C LEU A 68 11.12 21.23 25.79
N THR A 69 10.10 21.28 24.94
CA THR A 69 8.79 20.79 25.35
C THR A 69 8.03 20.00 24.28
N VAL A 70 6.88 19.48 24.69
CA VAL A 70 5.98 18.75 23.82
C VAL A 70 4.61 19.37 24.08
N LYS A 71 3.97 19.88 23.03
CA LYS A 71 2.66 20.52 23.18
C LYS A 71 1.61 19.91 22.26
N ILE A 72 0.48 19.57 22.85
CA ILE A 72 -0.62 18.96 22.12
C ILE A 72 -1.84 19.86 21.99
N LYS A 73 -2.30 20.04 20.76
CA LYS A 73 -3.46 20.87 20.47
C LYS A 73 -4.54 20.08 19.76
N CYS A 74 -5.78 20.26 20.21
CA CYS A 74 -6.91 19.59 19.57
C CYS A 74 -7.70 20.65 18.84
N ASP A 75 -7.86 20.49 17.54
CA ASP A 75 -8.64 21.44 16.77
C ASP A 75 -9.89 20.70 16.32
N LYS A 76 -10.90 20.66 17.19
CA LYS A 76 -12.14 19.97 16.89
C LYS A 76 -12.75 20.48 15.59
N GLU A 77 -12.86 21.80 15.46
CA GLU A 77 -13.43 22.42 14.27
C GLU A 77 -12.75 21.97 12.97
N LYS A 78 -11.43 21.81 12.98
CA LYS A 78 -10.72 21.40 11.77
C LYS A 78 -10.46 19.90 11.72
N ASN A 79 -10.90 19.19 12.76
CA ASN A 79 -10.73 17.75 12.80
C ASN A 79 -9.25 17.39 12.77
N LEU A 80 -8.45 18.12 13.54
CA LEU A 80 -7.02 17.85 13.57
C LEU A 80 -6.43 17.74 14.96
N LEU A 81 -5.48 16.83 15.10
CA LEU A 81 -4.77 16.66 16.36
C LEU A 81 -3.34 17.00 16.03
N HIS A 82 -2.73 17.90 16.81
CA HIS A 82 -1.36 18.33 16.61
C HIS A 82 -0.46 17.93 17.79
N VAL A 83 0.70 17.34 17.50
CA VAL A 83 1.66 16.97 18.52
C VAL A 83 2.96 17.68 18.11
N THR A 84 3.36 18.69 18.88
CA THR A 84 4.55 19.45 18.55
C THR A 84 5.66 19.40 19.59
N ASP A 85 6.87 19.12 19.13
CA ASP A 85 8.02 19.06 20.00
C ASP A 85 9.04 20.07 19.48
N THR A 86 9.91 20.53 20.37
CA THR A 86 10.95 21.47 19.98
C THR A 86 12.28 20.73 20.00
N GLY A 87 12.27 19.52 19.46
CA GLY A 87 13.47 18.71 19.42
C GLY A 87 14.36 19.05 18.25
N VAL A 88 15.22 18.11 17.86
CA VAL A 88 16.15 18.31 16.76
C VAL A 88 15.53 18.58 15.39
N GLY A 89 14.28 18.17 15.18
CA GLY A 89 13.64 18.38 13.89
C GLY A 89 14.19 17.45 12.83
N MET A 90 13.84 17.68 11.57
CA MET A 90 14.31 16.85 10.46
C MET A 90 14.50 17.68 9.20
N THR A 91 15.62 17.48 8.51
CA THR A 91 15.89 18.20 7.26
C THR A 91 14.96 17.60 6.22
N ARG A 92 14.91 18.21 5.04
N ARG A 92 14.91 18.20 5.04
CA ARG A 92 14.06 17.69 3.96
CA ARG A 92 14.08 17.71 3.96
C ARG A 92 14.51 16.28 3.62
C ARG A 92 14.51 16.28 3.63
N GLU A 93 15.82 16.07 3.58
CA GLU A 93 16.38 14.76 3.27
C GLU A 93 15.94 13.72 4.29
N GLU A 94 15.93 14.10 5.57
CA GLU A 94 15.54 13.17 6.63
C GLU A 94 14.05 12.84 6.63
N LEU A 95 13.21 13.79 6.23
CA LEU A 95 11.79 13.52 6.15
C LEU A 95 11.57 12.40 5.14
N VAL A 96 12.24 12.50 4.00
CA VAL A 96 12.12 11.51 2.95
C VAL A 96 12.63 10.13 3.37
N LYS A 97 13.86 10.11 3.87
CA LYS A 97 14.52 8.90 4.31
C LYS A 97 13.98 8.25 5.59
N ASN A 98 13.92 9.03 6.68
CA ASN A 98 13.46 8.50 7.95
C ASN A 98 12.02 8.01 7.95
N LEU A 99 11.16 8.70 7.20
CA LEU A 99 9.75 8.32 7.15
C LEU A 99 9.38 7.45 5.95
N GLY A 100 10.12 7.58 4.85
CA GLY A 100 9.81 6.80 3.66
C GLY A 100 10.59 5.52 3.39
N THR A 101 11.56 5.20 4.24
CA THR A 101 12.38 3.99 4.06
C THR A 101 12.73 3.41 5.42
N ILE A 102 13.44 2.28 5.40
CA ILE A 102 13.86 1.65 6.64
C ILE A 102 14.95 0.59 6.43
N GLY A 106 17.78 -4.80 11.85
CA GLY A 106 17.01 -6.01 12.01
C GLY A 106 15.61 -5.88 11.42
N THR A 107 15.56 -5.34 10.21
CA THR A 107 14.29 -5.14 9.51
C THR A 107 13.54 -6.45 9.24
N SER A 108 14.27 -7.44 8.74
CA SER A 108 13.68 -8.75 8.43
C SER A 108 13.24 -9.48 9.70
N GLU A 109 14.08 -9.47 10.71
CA GLU A 109 13.76 -10.13 11.97
C GLU A 109 12.47 -9.53 12.52
N PHE A 110 12.39 -8.21 12.50
CA PHE A 110 11.20 -7.52 13.00
C PHE A 110 10.02 -7.89 12.10
N LEU A 111 10.32 -8.10 10.83
CA LEU A 111 9.30 -8.48 9.84
C LEU A 111 8.67 -9.82 10.23
N ASN A 112 9.51 -10.79 10.55
CA ASN A 112 9.04 -12.11 10.95
C ASN A 112 8.54 -12.11 12.39
N LYS A 113 9.20 -11.36 13.26
CA LYS A 113 8.82 -11.27 14.67
C LYS A 113 7.41 -10.72 14.80
N MET A 114 7.09 -9.71 14.00
CA MET A 114 5.77 -9.10 14.03
C MET A 114 4.67 -10.06 13.59
N THR A 115 4.88 -10.70 12.45
CA THR A 115 3.92 -11.65 11.91
C THR A 115 3.64 -12.75 12.94
N GLU A 116 4.71 -13.25 13.56
CA GLU A 116 4.58 -14.29 14.58
C GLU A 116 3.91 -13.74 15.83
N ALA A 117 4.12 -12.45 16.09
CA ALA A 117 3.55 -11.79 17.26
C ALA A 117 2.07 -11.47 17.06
N GLN A 118 1.56 -11.77 15.87
CA GLN A 118 0.15 -11.53 15.55
C GLN A 118 -0.56 -12.86 15.34
N GLU A 119 0.17 -13.84 14.81
CA GLU A 119 -0.38 -15.17 14.55
C GLU A 119 -0.28 -16.04 15.80
N GLN A 122 -0.60 -12.36 19.65
CA GLN A 122 0.01 -11.73 20.82
C GLN A 122 -0.09 -10.22 20.72
N SER A 123 0.49 -9.53 21.71
CA SER A 123 0.48 -8.07 21.73
C SER A 123 1.73 -7.60 20.99
N THR A 124 1.57 -6.62 20.10
CA THR A 124 2.69 -6.11 19.33
C THR A 124 3.10 -4.72 19.79
N SER A 125 2.31 -4.15 20.70
CA SER A 125 2.57 -2.81 21.22
C SER A 125 3.99 -2.64 21.74
N GLU A 126 4.51 -3.65 22.43
CA GLU A 126 5.87 -3.56 22.97
C GLU A 126 6.93 -3.61 21.88
N LEU A 127 6.78 -4.52 20.92
CA LEU A 127 7.73 -4.64 19.81
C LEU A 127 7.82 -3.35 19.01
N ILE A 128 6.67 -2.86 18.59
CA ILE A 128 6.58 -1.63 17.83
C ILE A 128 7.27 -0.51 18.61
N GLY A 129 7.02 -0.47 19.92
CA GLY A 129 7.63 0.54 20.76
C GLY A 129 9.13 0.35 20.88
N GLN A 130 9.58 -0.90 20.94
CA GLN A 130 10.99 -1.21 21.06
C GLN A 130 11.77 -0.92 19.79
N PHE A 131 11.21 -1.30 18.64
CA PHE A 131 11.89 -1.06 17.37
C PHE A 131 11.72 0.39 16.87
N GLY A 132 10.95 1.19 17.60
CA GLY A 132 10.75 2.58 17.23
C GLY A 132 10.06 2.90 15.92
N VAL A 133 9.04 2.12 15.55
CA VAL A 133 8.31 2.38 14.31
C VAL A 133 6.86 2.72 14.58
N GLY A 134 6.58 3.19 15.78
CA GLY A 134 5.23 3.54 16.15
C GLY A 134 4.63 4.70 15.38
N PHE A 135 5.45 5.48 14.69
CA PHE A 135 4.95 6.61 13.92
C PHE A 135 3.76 6.21 13.05
N TYR A 136 3.91 5.10 12.34
CA TYR A 136 2.86 4.59 11.45
C TYR A 136 1.54 4.27 12.13
N SER A 137 1.60 3.98 13.43
CA SER A 137 0.38 3.65 14.16
C SER A 137 -0.61 4.82 14.11
N ALA A 138 -0.14 5.99 13.69
CA ALA A 138 -1.02 7.15 13.61
C ALA A 138 -2.07 6.89 12.53
N PHE A 139 -1.75 6.02 11.57
CA PHE A 139 -2.69 5.72 10.51
C PHE A 139 -3.90 4.92 11.01
N LEU A 140 -3.83 4.41 12.23
CA LEU A 140 -4.96 3.68 12.80
C LEU A 140 -6.12 4.62 13.10
N VAL A 141 -5.80 5.88 13.39
CA VAL A 141 -6.81 6.86 13.71
C VAL A 141 -6.88 8.03 12.72
N ALA A 142 -5.95 8.08 11.78
CA ALA A 142 -5.94 9.18 10.83
C ALA A 142 -5.94 8.79 9.36
N ASP A 143 -6.66 9.58 8.55
CA ASP A 143 -6.73 9.34 7.12
C ASP A 143 -5.53 9.97 6.44
N LYS A 144 -5.05 11.07 7.02
CA LYS A 144 -3.87 11.73 6.51
C LYS A 144 -2.98 12.14 7.66
N VAL A 145 -1.69 11.90 7.51
CA VAL A 145 -0.71 12.25 8.51
C VAL A 145 0.20 13.30 7.88
N ILE A 146 0.41 14.39 8.62
CA ILE A 146 1.22 15.49 8.13
C ILE A 146 2.31 15.77 9.14
N VAL A 147 3.54 15.94 8.64
CA VAL A 147 4.68 16.22 9.50
C VAL A 147 5.36 17.53 9.06
N THR A 148 5.27 18.55 9.89
CA THR A 148 5.90 19.84 9.60
C THR A 148 7.16 19.85 10.47
N SER A 149 8.33 20.02 9.86
CA SER A 149 9.56 20.00 10.65
C SER A 149 10.61 21.04 10.26
N LYS A 150 11.37 21.49 11.27
CA LYS A 150 12.44 22.47 11.07
C LYS A 150 13.68 21.96 11.77
N HIS A 151 14.75 21.77 11.01
CA HIS A 151 16.03 21.30 11.54
C HIS A 151 17.02 22.45 11.40
N ASN A 152 17.96 22.58 12.35
CA ASN A 152 18.93 23.67 12.28
C ASN A 152 19.67 23.75 10.95
N ASN A 153 19.85 22.61 10.28
CA ASN A 153 20.56 22.61 9.00
C ASN A 153 19.69 22.75 7.77
N ASP A 154 18.43 23.17 7.91
CA ASP A 154 17.58 23.31 6.73
C ASP A 154 16.41 24.26 6.98
N THR A 155 15.64 24.53 5.92
CA THR A 155 14.46 25.39 6.04
C THR A 155 13.27 24.49 6.40
N GLN A 156 12.23 25.09 6.95
CA GLN A 156 11.06 24.32 7.33
C GLN A 156 10.47 23.58 6.12
N HIS A 157 10.07 22.34 6.33
CA HIS A 157 9.46 21.52 5.28
C HIS A 157 8.25 20.77 5.78
N ILE A 158 7.41 20.34 4.84
CA ILE A 158 6.21 19.60 5.17
C ILE A 158 6.13 18.28 4.43
N TRP A 159 5.96 17.20 5.20
CA TRP A 159 5.82 15.85 4.65
C TRP A 159 4.35 15.48 4.86
N GLU A 160 3.74 14.85 3.85
CA GLU A 160 2.33 14.47 3.97
C GLU A 160 2.03 13.12 3.30
N SER A 161 1.14 12.35 3.90
CA SER A 161 0.81 11.04 3.35
C SER A 161 -0.54 10.48 3.80
N ASP A 162 -1.18 9.75 2.89
CA ASP A 162 -2.45 9.08 3.16
C ASP A 162 -2.11 7.59 3.20
N SER A 163 -0.81 7.30 3.20
CA SER A 163 -0.22 5.96 3.25
C SER A 163 -0.04 5.31 1.90
N ASN A 164 -0.62 5.92 0.86
CA ASN A 164 -0.55 5.38 -0.49
C ASN A 164 0.58 6.03 -1.27
N GLU A 165 1.23 6.99 -0.64
CA GLU A 165 2.34 7.74 -1.21
C GLU A 165 2.59 8.86 -0.23
N PHE A 166 3.62 9.65 -0.47
CA PHE A 166 3.91 10.79 0.39
C PHE A 166 4.63 11.85 -0.42
N SER A 167 4.72 13.06 0.12
CA SER A 167 5.38 14.14 -0.60
C SER A 167 5.99 15.10 0.41
N VAL A 168 7.03 15.77 -0.01
CA VAL A 168 7.72 16.74 0.84
C VAL A 168 7.79 18.05 0.08
N ILE A 169 7.46 19.13 0.76
CA ILE A 169 7.48 20.43 0.14
C ILE A 169 8.03 21.47 1.11
N ALA A 170 8.69 22.49 0.56
CA ALA A 170 9.21 23.55 1.40
C ALA A 170 7.95 24.16 1.99
N ASP A 171 7.98 24.47 3.28
CA ASP A 171 6.81 25.05 3.92
C ASP A 171 6.68 26.50 3.50
N PRO A 172 5.64 26.82 2.71
CA PRO A 172 5.46 28.21 2.26
C PRO A 172 5.24 29.20 3.41
N ARG A 173 4.91 28.71 4.60
CA ARG A 173 4.67 29.59 5.74
C ARG A 173 5.97 30.06 6.37
N GLY A 174 7.08 29.49 5.90
CA GLY A 174 8.37 29.88 6.45
C GLY A 174 8.70 29.14 7.73
N ASN A 175 9.71 29.63 8.42
CA ASN A 175 10.16 29.02 9.66
C ASN A 175 9.28 29.43 10.84
N THR A 176 8.17 28.75 11.01
CA THR A 176 7.26 29.07 12.12
C THR A 176 7.57 28.25 13.35
N LEU A 177 8.19 27.08 13.17
CA LEU A 177 8.50 26.25 14.31
C LEU A 177 9.75 26.65 15.07
N GLY A 178 10.63 27.44 14.45
CA GLY A 178 11.86 27.83 15.11
C GLY A 178 12.79 26.63 15.03
N ARG A 179 12.34 25.51 15.58
CA ARG A 179 13.09 24.25 15.57
C ARG A 179 12.16 23.19 16.12
N GLY A 180 12.17 22.02 15.50
CA GLY A 180 11.30 20.95 15.98
C GLY A 180 10.39 20.29 14.96
N THR A 181 9.29 19.71 15.45
CA THR A 181 8.37 19.00 14.57
C THR A 181 6.91 19.00 15.03
N THR A 182 5.99 19.11 14.08
CA THR A 182 4.58 19.04 14.41
C THR A 182 3.99 17.87 13.65
N ILE A 183 3.41 16.94 14.40
CA ILE A 183 2.76 15.78 13.79
C ILE A 183 1.29 16.19 13.77
N THR A 184 0.73 16.34 12.57
CA THR A 184 -0.67 16.71 12.44
C THR A 184 -1.47 15.55 11.89
N LEU A 185 -2.49 15.14 12.63
CA LEU A 185 -3.31 14.04 12.21
C LEU A 185 -4.69 14.53 11.78
N VAL A 186 -5.11 14.13 10.58
CA VAL A 186 -6.45 14.46 10.09
C VAL A 186 -7.23 13.22 10.51
N LEU A 187 -7.97 13.36 11.61
CA LEU A 187 -8.71 12.23 12.18
C LEU A 187 -9.87 11.65 11.37
N LYS A 188 -9.91 10.32 11.31
CA LYS A 188 -10.99 9.62 10.61
C LYS A 188 -12.29 10.00 11.33
N GLU A 189 -13.40 9.94 10.61
CA GLU A 189 -14.69 10.28 11.21
C GLU A 189 -14.94 9.55 12.54
N GLU A 190 -14.67 8.25 12.57
CA GLU A 190 -14.89 7.45 13.77
C GLU A 190 -13.86 7.64 14.87
N ALA A 191 -12.91 8.55 14.67
CA ALA A 191 -11.87 8.81 15.67
C ALA A 191 -11.99 10.21 16.27
N SER A 192 -13.19 10.79 16.17
CA SER A 192 -13.42 12.14 16.68
C SER A 192 -13.21 12.27 18.18
N ASP A 193 -13.31 11.16 18.89
CA ASP A 193 -13.15 11.19 20.34
C ASP A 193 -11.79 11.76 20.75
N TYR A 194 -10.78 11.55 19.91
CA TYR A 194 -9.44 12.06 20.21
C TYR A 194 -9.37 13.57 20.05
N LEU A 195 -10.50 14.20 19.77
CA LEU A 195 -10.55 15.65 19.64
C LEU A 195 -11.08 16.21 20.96
N GLU A 196 -11.53 15.30 21.83
CA GLU A 196 -12.07 15.67 23.14
C GLU A 196 -10.92 15.89 24.12
N LEU A 197 -10.94 17.03 24.82
CA LEU A 197 -9.88 17.35 25.78
C LEU A 197 -9.74 16.31 26.89
N ASP A 198 -10.86 15.87 27.46
CA ASP A 198 -10.78 14.88 28.52
C ASP A 198 -10.06 13.62 28.05
N THR A 199 -10.39 13.17 26.84
CA THR A 199 -9.78 11.97 26.27
C THR A 199 -8.26 12.15 26.08
N ILE A 200 -7.88 13.24 25.44
CA ILE A 200 -6.47 13.49 25.19
C ILE A 200 -5.70 13.62 26.50
N LYS A 201 -6.24 14.39 27.43
CA LYS A 201 -5.61 14.57 28.73
C LYS A 201 -5.39 13.25 29.47
N ASN A 202 -6.36 12.35 29.40
CA ASN A 202 -6.18 11.07 30.09
C ASN A 202 -5.10 10.23 29.41
N LEU A 203 -5.04 10.27 28.08
CA LEU A 203 -4.05 9.52 27.35
C LEU A 203 -2.67 10.15 27.54
N VAL A 204 -2.58 11.46 27.28
CA VAL A 204 -1.31 12.17 27.41
C VAL A 204 -0.74 12.03 28.81
N LYS A 205 -1.61 12.09 29.82
CA LYS A 205 -1.14 11.97 31.20
C LYS A 205 -0.57 10.59 31.46
N LYS A 206 -1.26 9.56 30.96
CA LYS A 206 -0.79 8.20 31.16
C LYS A 206 0.48 7.92 30.37
N TYR A 207 0.57 8.46 29.16
CA TYR A 207 1.72 8.25 28.29
C TYR A 207 2.91 9.18 28.49
N SER A 208 2.71 10.28 29.21
CA SER A 208 3.77 11.25 29.46
C SER A 208 4.38 11.06 30.83
N GLN A 209 3.73 10.24 31.64
CA GLN A 209 4.18 9.98 32.99
C GLN A 209 5.67 9.72 33.14
N PHE A 210 6.28 9.05 32.16
CA PHE A 210 7.71 8.75 32.26
C PHE A 210 8.60 9.44 31.23
N ILE A 211 8.10 10.52 30.67
CA ILE A 211 8.85 11.31 29.69
C ILE A 211 9.55 12.38 30.51
N ASN A 212 10.84 12.58 30.25
CA ASN A 212 11.59 13.56 31.02
C ASN A 212 11.31 15.02 30.67
N PHE A 213 10.74 15.26 29.50
CA PHE A 213 10.42 16.63 29.10
C PHE A 213 8.97 16.93 29.46
N PRO A 214 8.67 18.20 29.74
CA PRO A 214 7.30 18.59 30.10
C PRO A 214 6.35 18.53 28.91
N ILE A 215 5.18 17.94 29.13
CA ILE A 215 4.21 17.85 28.05
C ILE A 215 2.95 18.62 28.41
N TYR A 216 2.53 19.49 27.49
CA TYR A 216 1.37 20.34 27.69
C TYR A 216 0.26 20.04 26.70
N VAL A 217 -0.97 20.32 27.14
CA VAL A 217 -2.15 20.14 26.30
C VAL A 217 -2.88 21.48 26.35
N TRP A 218 -3.16 22.05 25.19
CA TRP A 218 -3.86 23.31 25.11
C TRP A 218 -5.30 23.05 25.55
N SER A 219 -5.63 23.41 26.79
CA SER A 219 -6.98 23.20 27.31
C SER A 219 -7.60 24.46 27.89
N SER A 220 -8.91 24.39 28.12
CA SER A 220 -9.67 25.50 28.67
C SER A 220 -9.96 25.32 30.15
N LYS A 221 -10.27 26.42 30.82
CA LYS A 221 -10.60 26.41 32.25
C LYS A 221 -11.71 27.41 32.56
N THR A 228 -14.36 31.38 29.94
CA THR A 228 -13.69 30.30 29.23
C THR A 228 -12.37 30.80 28.63
N VAL A 229 -11.26 30.53 29.31
CA VAL A 229 -9.95 30.94 28.83
C VAL A 229 -9.06 29.75 28.50
N TRP A 230 -8.25 29.88 27.46
CA TRP A 230 -7.36 28.81 27.04
C TRP A 230 -5.90 29.07 27.38
N ASP A 231 -5.17 28.00 27.66
CA ASP A 231 -3.75 28.07 27.96
C ASP A 231 -3.18 26.67 28.12
N TRP A 232 -1.86 26.55 28.07
CA TRP A 232 -1.22 25.24 28.21
C TRP A 232 -1.38 24.66 29.61
N GLU A 233 -1.61 23.35 29.68
CA GLU A 233 -1.77 22.68 30.97
C GLU A 233 -0.72 21.59 31.08
N LEU A 234 0.10 21.65 32.12
CA LEU A 234 1.14 20.65 32.31
C LEU A 234 0.51 19.30 32.62
N MET A 235 0.98 18.25 31.94
CA MET A 235 0.45 16.90 32.09
C MET A 235 1.38 15.93 32.81
N ASN A 236 2.63 16.31 32.98
CA ASN A 236 3.58 15.43 33.65
C ASN A 236 4.59 16.19 34.51
N GLY B 1 25.57 -9.29 -17.64
CA GLY B 1 26.08 -8.71 -16.37
C GLY B 1 25.05 -8.76 -15.26
N SER B 2 25.49 -8.52 -14.04
CA SER B 2 24.61 -8.54 -12.88
C SER B 2 24.25 -7.13 -12.41
N HIS B 3 24.11 -6.21 -13.34
CA HIS B 3 23.79 -4.84 -13.00
C HIS B 3 22.31 -4.68 -12.64
N MET B 4 21.44 -5.37 -13.37
N MET B 4 21.43 -5.37 -13.38
CA MET B 4 20.01 -5.31 -13.11
CA MET B 4 19.99 -5.28 -13.11
C MET B 4 19.71 -5.68 -11.66
C MET B 4 19.66 -5.72 -11.68
N LEU B 5 20.27 -6.81 -11.23
CA LEU B 5 20.04 -7.30 -9.87
C LEU B 5 20.75 -6.47 -8.80
N ARG B 6 21.98 -6.07 -9.09
CA ARG B 6 22.73 -5.28 -8.11
C ARG B 6 22.11 -3.90 -7.87
N GLU B 7 21.54 -3.32 -8.92
CA GLU B 7 20.91 -2.00 -8.82
C GLU B 7 19.41 -2.08 -8.56
N LYS B 8 18.87 -3.30 -8.54
CA LYS B 8 17.44 -3.52 -8.32
C LYS B 8 16.59 -2.87 -9.41
N SER B 9 17.18 -2.75 -10.61
CA SER B 9 16.52 -2.13 -11.76
C SER B 9 15.16 -2.75 -12.09
N GLU B 10 14.96 -3.98 -11.67
CA GLU B 10 13.73 -4.72 -11.92
C GLU B 10 12.58 -4.42 -10.95
N LYS B 11 12.86 -3.70 -9.88
CA LYS B 11 11.83 -3.39 -8.89
C LYS B 11 11.17 -2.03 -9.11
N PHE B 12 9.84 -2.03 -8.98
CA PHE B 12 9.07 -0.81 -9.17
C PHE B 12 8.09 -0.58 -8.02
N ALA B 13 7.58 0.64 -7.95
CA ALA B 13 6.61 0.99 -6.93
C ALA B 13 5.29 1.24 -7.63
N PHE B 14 4.18 0.99 -6.95
CA PHE B 14 2.89 1.24 -7.58
C PHE B 14 2.58 2.72 -7.55
N GLN B 15 1.80 3.16 -8.54
CA GLN B 15 1.37 4.55 -8.61
C GLN B 15 0.39 4.74 -7.46
N ALA B 16 0.35 5.94 -6.90
CA ALA B 16 -0.56 6.22 -5.78
C ALA B 16 -2.00 5.81 -6.06
N GLU B 17 -2.57 6.26 -7.17
CA GLU B 17 -3.96 5.92 -7.51
C GLU B 17 -4.19 4.40 -7.49
N VAL B 18 -3.20 3.63 -7.91
CA VAL B 18 -3.34 2.18 -7.91
C VAL B 18 -3.41 1.61 -6.49
N ASN B 19 -2.56 2.10 -5.59
CA ASN B 19 -2.62 1.60 -4.22
C ASN B 19 -4.00 1.91 -3.66
N ARG B 20 -4.46 3.14 -3.84
CA ARG B 20 -5.78 3.53 -3.33
C ARG B 20 -6.84 2.62 -3.94
N MET B 21 -6.70 2.33 -5.24
N MET B 21 -6.70 2.34 -5.23
CA MET B 21 -7.63 1.49 -5.97
CA MET B 21 -7.66 1.47 -5.91
C MET B 21 -7.67 0.05 -5.47
C MET B 21 -7.68 0.06 -5.36
N MET B 22 -6.50 -0.53 -5.25
CA MET B 22 -6.41 -1.90 -4.74
C MET B 22 -7.14 -1.99 -3.40
N LYS B 23 -7.02 -0.94 -2.58
CA LYS B 23 -7.66 -0.90 -1.27
C LYS B 23 -9.18 -0.81 -1.36
N LEU B 24 -9.68 0.04 -2.25
CA LEU B 24 -11.11 0.19 -2.43
C LEU B 24 -11.75 -1.12 -2.90
N ILE B 25 -11.06 -1.82 -3.79
CA ILE B 25 -11.56 -3.10 -4.30
C ILE B 25 -11.63 -4.15 -3.19
N ILE B 26 -10.58 -4.21 -2.38
N ILE B 26 -10.57 -4.21 -2.39
CA ILE B 26 -10.51 -5.16 -1.29
CA ILE B 26 -10.51 -5.15 -1.28
C ILE B 26 -11.51 -4.84 -0.17
C ILE B 26 -11.54 -4.84 -0.20
N ASN B 27 -11.72 -3.56 0.12
CA ASN B 27 -12.65 -3.17 1.15
C ASN B 27 -14.11 -3.28 0.76
N SER B 28 -14.40 -3.29 -0.54
CA SER B 28 -15.79 -3.35 -1.00
C SER B 28 -16.27 -4.69 -1.54
N LEU B 29 -15.35 -5.58 -1.90
CA LEU B 29 -15.74 -6.88 -2.45
C LEU B 29 -15.38 -8.04 -1.54
N TYR B 30 -15.06 -7.76 -0.29
CA TYR B 30 -14.66 -8.80 0.66
C TYR B 30 -15.73 -9.86 0.91
N LYS B 31 -16.98 -9.52 0.61
CA LYS B 31 -18.07 -10.46 0.82
C LYS B 31 -18.38 -11.27 -0.43
N ASN B 32 -17.88 -10.83 -1.58
N ASN B 32 -17.86 -10.77 -1.55
CA ASN B 32 -18.10 -11.55 -2.82
CA ASN B 32 -18.09 -11.34 -2.88
C ASN B 32 -16.78 -11.78 -3.53
C ASN B 32 -16.72 -11.65 -3.53
N LYS B 33 -15.81 -12.28 -2.78
CA LYS B 33 -14.48 -12.55 -3.31
C LYS B 33 -14.38 -13.36 -4.60
N GLU B 34 -15.31 -14.30 -4.81
N GLU B 34 -15.32 -14.28 -4.81
CA GLU B 34 -15.30 -15.14 -6.00
CA GLU B 34 -15.29 -15.14 -5.99
C GLU B 34 -15.33 -14.36 -7.32
C GLU B 34 -15.31 -14.38 -7.32
N ILE B 35 -15.61 -13.06 -7.23
N ILE B 35 -15.63 -13.10 -7.25
CA ILE B 35 -15.67 -12.21 -8.41
CA ILE B 35 -15.68 -12.31 -8.46
C ILE B 35 -14.30 -12.06 -9.07
C ILE B 35 -14.30 -12.10 -9.08
N PHE B 36 -13.25 -12.41 -8.34
CA PHE B 36 -11.89 -12.29 -8.86
C PHE B 36 -11.73 -13.15 -10.10
N LEU B 37 -12.39 -14.31 -10.07
CA LEU B 37 -12.30 -15.27 -11.15
C LEU B 37 -13.00 -14.77 -12.41
N ARG B 38 -14.18 -14.16 -12.24
CA ARG B 38 -14.93 -13.62 -13.37
C ARG B 38 -14.07 -12.57 -14.06
N GLU B 39 -13.41 -11.73 -13.26
CA GLU B 39 -12.57 -10.67 -13.76
C GLU B 39 -11.35 -11.16 -14.56
N LEU B 40 -10.68 -12.19 -14.07
CA LEU B 40 -9.51 -12.72 -14.76
C LEU B 40 -9.94 -13.36 -16.06
N ILE B 41 -11.10 -13.98 -16.07
CA ILE B 41 -11.59 -14.60 -17.28
C ILE B 41 -11.98 -13.50 -18.28
N SER B 42 -12.56 -12.41 -17.80
CA SER B 42 -12.93 -11.30 -18.69
C SER B 42 -11.67 -10.74 -19.33
N ASN B 43 -10.66 -10.49 -18.51
CA ASN B 43 -9.40 -9.95 -19.02
C ASN B 43 -8.79 -10.92 -20.02
N ALA B 44 -8.96 -12.21 -19.77
CA ALA B 44 -8.44 -13.22 -20.69
C ALA B 44 -9.19 -13.10 -22.01
N SER B 45 -10.51 -12.98 -21.93
CA SER B 45 -11.35 -12.84 -23.11
C SER B 45 -10.93 -11.63 -23.93
N ASP B 46 -10.78 -10.48 -23.26
CA ASP B 46 -10.38 -9.27 -23.94
C ASP B 46 -9.06 -9.45 -24.68
N ALA B 47 -8.16 -10.21 -24.07
CA ALA B 47 -6.84 -10.49 -24.63
C ALA B 47 -6.95 -11.34 -25.88
N LEU B 48 -7.89 -12.27 -25.89
CA LEU B 48 -8.07 -13.12 -27.03
C LEU B 48 -8.69 -12.31 -28.16
N ASP B 49 -9.54 -11.35 -27.78
CA ASP B 49 -10.18 -10.48 -28.77
C ASP B 49 -9.10 -9.69 -29.48
N LYS B 50 -8.14 -9.16 -28.72
CA LYS B 50 -7.08 -8.35 -29.30
C LYS B 50 -6.24 -9.10 -30.31
N ILE B 51 -5.77 -10.30 -29.96
CA ILE B 51 -4.95 -11.06 -30.89
C ILE B 51 -5.79 -11.45 -32.10
N ARG B 52 -7.08 -11.64 -31.89
CA ARG B 52 -7.97 -12.01 -32.98
C ARG B 52 -8.08 -10.83 -33.92
N LEU B 53 -8.15 -9.63 -33.35
CA LEU B 53 -8.22 -8.39 -34.11
C LEU B 53 -6.91 -8.13 -34.87
N ILE B 54 -5.80 -8.48 -34.23
CA ILE B 54 -4.50 -8.29 -34.86
C ILE B 54 -4.29 -9.31 -35.99
N SER B 55 -4.90 -10.49 -35.87
CA SER B 55 -4.74 -11.51 -36.91
C SER B 55 -5.51 -11.12 -38.17
N LEU B 56 -6.40 -10.14 -38.08
CA LEU B 56 -7.16 -9.70 -39.24
C LEU B 56 -6.17 -9.11 -40.25
N THR B 57 -5.25 -8.30 -39.74
CA THR B 57 -4.25 -7.64 -40.57
C THR B 57 -2.90 -8.37 -40.69
N ASP B 58 -2.55 -9.17 -39.69
CA ASP B 58 -1.27 -9.89 -39.72
C ASP B 58 -1.46 -11.40 -39.81
N GLU B 59 -1.08 -11.98 -40.95
CA GLU B 59 -1.21 -13.41 -41.17
C GLU B 59 -0.28 -14.25 -40.28
N ASN B 60 0.68 -13.62 -39.62
CA ASN B 60 1.61 -14.35 -38.76
C ASN B 60 1.37 -14.10 -37.26
N ALA B 61 0.27 -13.43 -36.96
CA ALA B 61 -0.08 -13.11 -35.58
C ALA B 61 -0.23 -14.34 -34.67
N LEU B 62 -0.74 -15.43 -35.22
CA LEU B 62 -0.94 -16.63 -34.42
C LEU B 62 0.19 -17.67 -34.46
N ALA B 63 1.30 -17.30 -35.08
CA ALA B 63 2.47 -18.19 -35.23
C ALA B 63 2.98 -18.89 -33.96
N GLY B 64 2.99 -18.18 -32.85
CA GLY B 64 3.50 -18.76 -31.60
C GLY B 64 2.57 -19.69 -30.85
N ASN B 65 1.30 -19.72 -31.22
CA ASN B 65 0.30 -20.56 -30.56
C ASN B 65 -0.98 -20.42 -31.40
N GLU B 66 -1.30 -21.44 -32.17
CA GLU B 66 -2.49 -21.43 -33.04
C GLU B 66 -3.84 -21.32 -32.34
N GLU B 67 -3.98 -21.95 -31.18
CA GLU B 67 -5.23 -21.96 -30.44
C GLU B 67 -5.58 -20.65 -29.73
N LEU B 68 -6.87 -20.45 -29.50
CA LEU B 68 -7.36 -19.27 -28.80
C LEU B 68 -8.22 -19.79 -27.65
N THR B 69 -7.57 -20.10 -26.54
CA THR B 69 -8.23 -20.68 -25.37
C THR B 69 -7.91 -20.05 -24.02
N VAL B 70 -8.62 -20.52 -23.00
CA VAL B 70 -8.40 -20.11 -21.64
C VAL B 70 -8.41 -21.43 -20.88
N LYS B 71 -7.32 -21.73 -20.19
CA LYS B 71 -7.21 -22.97 -19.45
C LYS B 71 -6.86 -22.67 -18.01
N ILE B 72 -7.70 -23.17 -17.11
CA ILE B 72 -7.54 -22.96 -15.67
C ILE B 72 -7.10 -24.23 -14.98
N LYS B 73 -6.09 -24.12 -14.13
CA LYS B 73 -5.54 -25.28 -13.44
C LYS B 73 -5.33 -25.05 -11.96
N CYS B 74 -5.66 -26.05 -11.16
CA CYS B 74 -5.50 -25.95 -9.71
C CYS B 74 -4.30 -26.79 -9.31
N ASP B 75 -3.48 -26.25 -8.42
CA ASP B 75 -2.34 -26.99 -7.92
C ASP B 75 -2.43 -26.87 -6.42
N LYS B 76 -3.26 -27.70 -5.80
CA LYS B 76 -3.45 -27.65 -4.37
C LYS B 76 -2.14 -27.85 -3.59
N GLU B 77 -1.36 -28.87 -3.96
CA GLU B 77 -0.11 -29.12 -3.28
C GLU B 77 0.78 -27.87 -3.27
N LYS B 78 0.63 -27.01 -4.26
CA LYS B 78 1.43 -25.79 -4.32
C LYS B 78 0.66 -24.54 -3.89
N ASN B 79 -0.61 -24.71 -3.57
CA ASN B 79 -1.46 -23.60 -3.15
C ASN B 79 -1.54 -22.53 -4.23
N LEU B 80 -1.54 -22.98 -5.48
CA LEU B 80 -1.60 -22.07 -6.60
C LEU B 80 -2.83 -22.29 -7.46
N LEU B 81 -3.24 -21.24 -8.14
CA LEU B 81 -4.36 -21.30 -9.06
C LEU B 81 -3.84 -20.58 -10.28
N HIS B 82 -3.91 -21.22 -11.44
CA HIS B 82 -3.42 -20.63 -12.69
C HIS B 82 -4.55 -20.38 -13.68
N VAL B 83 -4.48 -19.26 -14.38
CA VAL B 83 -5.45 -18.93 -15.42
C VAL B 83 -4.65 -18.49 -16.65
N THR B 84 -4.57 -19.38 -17.64
CA THR B 84 -3.80 -19.13 -18.85
C THR B 84 -4.63 -18.88 -20.10
N ASP B 85 -4.27 -17.83 -20.83
CA ASP B 85 -4.96 -17.48 -22.07
C ASP B 85 -3.90 -17.38 -23.16
N THR B 86 -4.33 -17.51 -24.42
CA THR B 86 -3.41 -17.43 -25.53
C THR B 86 -3.72 -16.17 -26.34
N GLY B 87 -4.14 -15.13 -25.64
CA GLY B 87 -4.43 -13.88 -26.28
C GLY B 87 -3.14 -13.22 -26.73
N VAL B 88 -3.21 -11.91 -26.92
CA VAL B 88 -2.07 -11.11 -27.35
C VAL B 88 -0.86 -11.07 -26.41
N GLY B 89 -1.07 -11.31 -25.12
CA GLY B 89 0.05 -11.27 -24.19
C GLY B 89 0.51 -9.84 -23.94
N MET B 90 1.57 -9.67 -23.15
CA MET B 90 2.09 -8.33 -22.85
C MET B 90 3.60 -8.26 -22.90
N THR B 91 4.12 -7.15 -23.42
CA THR B 91 5.57 -6.97 -23.50
C THR B 91 6.02 -6.51 -22.12
N ARG B 92 7.33 -6.56 -21.89
CA ARG B 92 7.87 -6.12 -20.61
C ARG B 92 7.39 -4.71 -20.28
N GLU B 93 7.42 -3.82 -21.26
CA GLU B 93 7.01 -2.44 -21.04
C GLU B 93 5.55 -2.38 -20.65
N GLU B 94 4.71 -3.19 -21.30
CA GLU B 94 3.28 -3.22 -21.00
C GLU B 94 2.99 -3.79 -19.61
N LEU B 95 3.88 -4.65 -19.12
CA LEU B 95 3.69 -5.23 -17.79
C LEU B 95 3.89 -4.14 -16.76
N VAL B 96 4.95 -3.36 -16.94
CA VAL B 96 5.27 -2.27 -16.05
C VAL B 96 4.21 -1.18 -16.07
N LYS B 97 3.83 -0.78 -17.28
CA LYS B 97 2.84 0.28 -17.47
C LYS B 97 1.37 -0.11 -17.20
N ASN B 98 0.90 -1.14 -17.87
CA ASN B 98 -0.49 -1.58 -17.74
C ASN B 98 -0.95 -2.07 -16.37
N LEU B 99 -0.08 -2.74 -15.62
CA LEU B 99 -0.47 -3.25 -14.31
C LEU B 99 -0.03 -2.40 -13.12
N GLY B 100 0.89 -1.45 -13.36
CA GLY B 100 1.38 -0.60 -12.29
C GLY B 100 0.91 0.85 -12.31
N THR B 101 0.17 1.23 -13.34
CA THR B 101 -0.35 2.59 -13.44
C THR B 101 -1.76 2.59 -14.03
N ILE B 102 -2.49 3.68 -13.79
CA ILE B 102 -3.84 3.83 -14.32
C ILE B 102 -3.79 5.00 -15.31
N ALA B 103 -4.77 5.07 -16.20
CA ALA B 103 -4.85 6.15 -17.19
C ALA B 103 -6.18 6.14 -17.94
N GLY B 106 -10.83 8.05 -16.81
CA GLY B 106 -11.66 8.65 -15.78
C GLY B 106 -11.28 8.18 -14.38
N THR B 107 -10.01 7.93 -14.19
CA THR B 107 -9.46 7.46 -12.91
C THR B 107 -10.02 8.22 -11.70
N SER B 108 -9.95 9.55 -11.76
CA SER B 108 -10.43 10.39 -10.68
C SER B 108 -11.88 10.11 -10.33
N GLU B 109 -12.74 10.22 -11.35
CA GLU B 109 -14.18 9.97 -11.16
C GLU B 109 -14.43 8.59 -10.58
N PHE B 110 -13.70 7.59 -11.06
CA PHE B 110 -13.87 6.23 -10.59
C PHE B 110 -13.58 6.08 -9.09
N LEU B 111 -12.45 6.62 -8.65
CA LEU B 111 -12.06 6.54 -7.25
C LEU B 111 -13.16 7.15 -6.37
N ASN B 112 -13.81 8.19 -6.88
CA ASN B 112 -14.89 8.86 -6.17
C ASN B 112 -16.15 7.99 -6.20
N LYS B 113 -16.46 7.44 -7.38
CA LYS B 113 -17.64 6.59 -7.54
C LYS B 113 -17.54 5.35 -6.67
N MET B 114 -16.32 4.84 -6.49
CA MET B 114 -16.08 3.65 -5.67
C MET B 114 -16.35 3.96 -4.20
N THR B 115 -15.75 5.04 -3.71
CA THR B 115 -15.92 5.46 -2.32
C THR B 115 -17.38 5.78 -2.04
N GLU B 116 -18.00 6.51 -2.96
CA GLU B 116 -19.40 6.88 -2.82
C GLU B 116 -20.24 5.61 -2.78
N ALA B 117 -19.84 4.62 -3.57
CA ALA B 117 -20.55 3.33 -3.64
C ALA B 117 -20.25 2.47 -2.41
N GLN B 118 -19.20 2.82 -1.67
CA GLN B 118 -18.85 2.05 -0.48
C GLN B 118 -19.71 2.49 0.70
N GLU B 119 -19.51 3.71 1.15
CA GLU B 119 -20.27 4.27 2.27
C GLU B 119 -21.78 4.17 2.01
N GLN B 122 -23.05 0.47 -1.27
CA GLN B 122 -23.47 0.05 -2.60
C GLN B 122 -22.56 -1.05 -3.16
N SER B 123 -23.03 -1.69 -4.23
CA SER B 123 -22.29 -2.75 -4.91
C SER B 123 -21.28 -2.12 -5.85
N THR B 124 -20.08 -2.71 -5.92
CA THR B 124 -19.05 -2.16 -6.80
C THR B 124 -18.54 -3.15 -7.83
N SER B 125 -19.01 -4.39 -7.77
CA SER B 125 -18.59 -5.42 -8.72
C SER B 125 -18.83 -5.00 -10.16
N GLU B 126 -19.97 -4.35 -10.42
CA GLU B 126 -20.30 -3.91 -11.77
C GLU B 126 -19.35 -2.81 -12.23
N LEU B 127 -19.07 -1.88 -11.34
CA LEU B 127 -18.17 -0.75 -11.64
C LEU B 127 -16.77 -1.23 -11.97
N ILE B 128 -16.29 -2.21 -11.20
CA ILE B 128 -14.95 -2.76 -11.38
C ILE B 128 -14.77 -3.25 -12.81
N GLY B 129 -15.76 -3.97 -13.31
CA GLY B 129 -15.68 -4.48 -14.67
C GLY B 129 -15.76 -3.40 -15.74
N GLN B 130 -16.63 -2.43 -15.53
CA GLN B 130 -16.80 -1.35 -16.49
C GLN B 130 -15.55 -0.48 -16.62
N PHE B 131 -14.81 -0.31 -15.53
CA PHE B 131 -13.62 0.53 -15.58
C PHE B 131 -12.35 -0.27 -15.90
N GLY B 132 -12.50 -1.57 -16.12
CA GLY B 132 -11.36 -2.41 -16.46
C GLY B 132 -10.23 -2.53 -15.46
N VAL B 133 -10.54 -2.50 -14.16
CA VAL B 133 -9.51 -2.64 -13.14
C VAL B 133 -9.77 -3.93 -12.35
N GLY B 134 -10.52 -4.84 -12.98
CA GLY B 134 -10.83 -6.10 -12.33
C GLY B 134 -9.65 -6.98 -11.95
N PHE B 135 -8.49 -6.71 -12.54
CA PHE B 135 -7.30 -7.50 -12.25
C PHE B 135 -6.92 -7.48 -10.77
N TYR B 136 -7.00 -6.30 -10.15
CA TYR B 136 -6.63 -6.17 -8.76
C TYR B 136 -7.51 -6.93 -7.77
N SER B 137 -8.67 -7.39 -8.22
CA SER B 137 -9.54 -8.14 -7.32
C SER B 137 -8.90 -9.48 -6.99
N ALA B 138 -7.83 -9.84 -7.70
CA ALA B 138 -7.16 -11.10 -7.42
C ALA B 138 -6.56 -11.06 -6.01
N PHE B 139 -6.21 -9.86 -5.54
CA PHE B 139 -5.62 -9.70 -4.22
C PHE B 139 -6.64 -10.01 -3.14
N LEU B 140 -7.90 -10.16 -3.55
CA LEU B 140 -8.94 -10.50 -2.60
C LEU B 140 -8.68 -11.92 -2.08
N VAL B 141 -8.18 -12.78 -2.94
CA VAL B 141 -7.91 -14.18 -2.57
C VAL B 141 -6.45 -14.59 -2.61
N ALA B 142 -5.56 -13.66 -2.94
CA ALA B 142 -4.15 -14.02 -3.06
C ALA B 142 -3.17 -13.14 -2.33
N ASP B 143 -2.15 -13.77 -1.77
CA ASP B 143 -1.08 -13.06 -1.06
C ASP B 143 -0.09 -12.58 -2.11
N LYS B 144 0.06 -13.35 -3.17
CA LYS B 144 0.95 -12.98 -4.26
C LYS B 144 0.31 -13.26 -5.61
N VAL B 145 0.47 -12.33 -6.54
CA VAL B 145 -0.07 -12.50 -7.88
C VAL B 145 1.07 -12.49 -8.87
N ILE B 146 1.12 -13.50 -9.73
CA ILE B 146 2.21 -13.56 -10.71
C ILE B 146 1.61 -13.55 -12.11
N VAL B 147 2.22 -12.77 -12.99
CA VAL B 147 1.77 -12.64 -14.36
C VAL B 147 2.89 -12.98 -15.34
N THR B 148 2.82 -14.15 -15.95
CA THR B 148 3.84 -14.56 -16.93
C THR B 148 3.23 -14.31 -18.30
N SER B 149 3.90 -13.53 -19.14
CA SER B 149 3.34 -13.23 -20.44
C SER B 149 4.36 -13.22 -21.59
N LYS B 150 3.88 -13.67 -22.75
CA LYS B 150 4.71 -13.72 -23.96
C LYS B 150 3.93 -13.01 -25.08
N HIS B 151 4.48 -11.90 -25.56
CA HIS B 151 3.88 -11.12 -26.64
C HIS B 151 4.72 -11.32 -27.89
N ASN B 152 4.07 -11.29 -29.05
CA ASN B 152 4.80 -11.48 -30.31
C ASN B 152 5.98 -10.52 -30.49
N ASN B 153 5.94 -9.34 -29.87
CA ASN B 153 7.05 -8.40 -30.05
C ASN B 153 8.05 -8.33 -28.91
N ASP B 154 8.15 -9.40 -28.13
CA ASP B 154 9.08 -9.41 -27.00
C ASP B 154 9.30 -10.84 -26.52
N THR B 155 10.20 -11.00 -25.55
CA THR B 155 10.49 -12.31 -24.98
C THR B 155 9.61 -12.51 -23.74
N GLN B 156 9.51 -13.74 -23.27
CA GLN B 156 8.67 -14.00 -22.11
C GLN B 156 9.19 -13.29 -20.85
N HIS B 157 8.27 -12.64 -20.12
CA HIS B 157 8.61 -11.94 -18.88
C HIS B 157 7.69 -12.29 -17.76
N ILE B 158 8.14 -12.00 -16.55
CA ILE B 158 7.35 -12.27 -15.37
C ILE B 158 7.19 -11.04 -14.49
N TRP B 159 5.94 -10.78 -14.12
CA TRP B 159 5.57 -9.69 -13.24
C TRP B 159 5.09 -10.39 -11.97
N GLU B 160 5.58 -9.93 -10.82
N GLU B 160 5.56 -9.93 -10.82
CA GLU B 160 5.18 -10.53 -9.55
CA GLU B 160 5.18 -10.53 -9.55
C GLU B 160 4.92 -9.43 -8.53
C GLU B 160 4.89 -9.41 -8.55
N SER B 161 3.94 -9.64 -7.65
CA SER B 161 3.60 -8.65 -6.66
C SER B 161 2.81 -9.17 -5.46
N ASP B 162 3.12 -8.64 -4.28
CA ASP B 162 2.38 -8.99 -3.07
C ASP B 162 1.54 -7.77 -2.71
N SER B 163 1.50 -6.81 -3.63
CA SER B 163 0.73 -5.55 -3.51
C SER B 163 1.48 -4.38 -2.90
N ASN B 164 2.63 -4.64 -2.29
CA ASN B 164 3.43 -3.59 -1.65
C ASN B 164 4.50 -3.06 -2.58
N GLU B 165 4.62 -3.71 -3.74
CA GLU B 165 5.57 -3.35 -4.76
C GLU B 165 5.37 -4.40 -5.85
N PHE B 166 6.15 -4.31 -6.92
CA PHE B 166 6.08 -5.30 -8.00
C PHE B 166 7.41 -5.28 -8.76
N SER B 167 7.74 -6.39 -9.42
CA SER B 167 8.98 -6.43 -10.15
C SER B 167 8.75 -7.16 -11.46
N VAL B 168 9.56 -6.84 -12.46
CA VAL B 168 9.46 -7.50 -13.75
C VAL B 168 10.83 -8.02 -14.14
N ILE B 169 10.89 -9.30 -14.50
CA ILE B 169 12.14 -9.93 -14.88
C ILE B 169 11.91 -10.80 -16.12
N ALA B 170 13.00 -11.07 -16.83
CA ALA B 170 12.92 -11.91 -18.01
C ALA B 170 12.72 -13.32 -17.45
N ASP B 171 11.86 -14.10 -18.10
CA ASP B 171 11.60 -15.46 -17.64
C ASP B 171 12.80 -16.35 -17.99
N PRO B 172 13.50 -16.87 -16.97
CA PRO B 172 14.66 -17.72 -17.21
C PRO B 172 14.28 -19.04 -17.87
N ARG B 173 12.98 -19.32 -17.94
CA ARG B 173 12.50 -20.54 -18.57
C ARG B 173 12.36 -20.33 -20.08
N GLY B 174 12.60 -19.11 -20.52
CA GLY B 174 12.48 -18.83 -21.94
C GLY B 174 11.04 -18.72 -22.40
N ASN B 175 10.81 -19.00 -23.67
CA ASN B 175 9.47 -18.91 -24.22
C ASN B 175 8.71 -20.22 -24.07
N THR B 176 7.92 -20.34 -23.00
CA THR B 176 7.17 -21.57 -22.77
C THR B 176 5.68 -21.36 -23.06
N LEU B 177 5.28 -20.11 -23.20
CA LEU B 177 3.88 -19.83 -23.46
C LEU B 177 3.54 -19.89 -24.93
N GLY B 178 4.48 -19.49 -25.78
CA GLY B 178 4.23 -19.47 -27.22
C GLY B 178 3.71 -18.07 -27.48
N ARG B 179 2.59 -17.78 -26.85
CA ARG B 179 1.95 -16.46 -26.92
C ARG B 179 0.86 -16.47 -25.89
N GLY B 180 0.78 -15.40 -25.09
CA GLY B 180 -0.27 -15.38 -24.09
C GLY B 180 0.16 -14.99 -22.69
N THR B 181 -0.76 -15.20 -21.74
CA THR B 181 -0.54 -14.83 -20.36
C THR B 181 -1.07 -15.86 -19.35
N THR B 182 -0.31 -16.08 -18.28
CA THR B 182 -0.75 -16.99 -17.22
C THR B 182 -0.82 -16.11 -15.98
N ILE B 183 -1.97 -16.14 -15.30
CA ILE B 183 -2.11 -15.38 -14.08
C ILE B 183 -1.97 -16.46 -13.02
N THR B 184 -0.95 -16.33 -12.19
CA THR B 184 -0.76 -17.31 -11.14
C THR B 184 -1.03 -16.65 -9.81
N LEU B 185 -1.87 -17.29 -9.02
CA LEU B 185 -2.25 -16.77 -7.71
C LEU B 185 -1.79 -17.67 -6.58
N VAL B 186 -1.04 -17.08 -5.65
CA VAL B 186 -0.56 -17.77 -4.46
C VAL B 186 -1.66 -17.40 -3.48
N LEU B 187 -2.59 -18.34 -3.29
CA LEU B 187 -3.76 -18.16 -2.45
C LEU B 187 -3.58 -17.91 -0.96
N LYS B 188 -4.39 -17.00 -0.43
CA LYS B 188 -4.38 -16.69 0.99
C LYS B 188 -4.83 -17.97 1.68
N GLU B 189 -4.65 -18.06 3.00
CA GLU B 189 -5.07 -19.28 3.68
C GLU B 189 -6.59 -19.38 3.76
N GLU B 190 -7.26 -18.23 3.85
N GLU B 190 -7.25 -18.22 3.84
CA GLU B 190 -8.71 -18.20 3.93
CA GLU B 190 -8.70 -18.17 3.93
C GLU B 190 -9.36 -18.38 2.56
C GLU B 190 -9.36 -18.44 2.57
N ALA B 191 -8.53 -18.66 1.55
CA ALA B 191 -9.03 -18.88 0.19
C ALA B 191 -8.75 -20.25 -0.42
N SER B 192 -8.38 -21.21 0.43
CA SER B 192 -8.08 -22.58 -0.01
C SER B 192 -9.24 -23.22 -0.78
N ASP B 193 -10.44 -22.68 -0.57
CA ASP B 193 -11.62 -23.21 -1.23
C ASP B 193 -11.49 -23.23 -2.76
N TYR B 194 -10.76 -22.26 -3.29
CA TYR B 194 -10.57 -22.14 -4.73
C TYR B 194 -9.60 -23.14 -5.33
N LEU B 195 -9.12 -24.09 -4.53
CA LEU B 195 -8.21 -25.12 -5.00
C LEU B 195 -9.00 -26.39 -5.26
N GLU B 196 -10.28 -26.38 -4.88
CA GLU B 196 -11.13 -27.54 -5.05
C GLU B 196 -11.79 -27.57 -6.43
N LEU B 197 -11.56 -28.64 -7.17
CA LEU B 197 -12.12 -28.80 -8.51
C LEU B 197 -13.60 -28.50 -8.64
N ASP B 198 -14.41 -29.13 -7.80
CA ASP B 198 -15.86 -28.92 -7.86
C ASP B 198 -16.26 -27.45 -7.78
N THR B 199 -15.56 -26.69 -6.94
CA THR B 199 -15.83 -25.27 -6.77
C THR B 199 -15.38 -24.45 -7.97
N ILE B 200 -14.16 -24.68 -8.42
CA ILE B 200 -13.60 -23.96 -9.56
C ILE B 200 -14.41 -24.23 -10.82
N LYS B 201 -14.75 -25.49 -11.04
CA LYS B 201 -15.53 -25.88 -12.21
C LYS B 201 -16.87 -25.14 -12.23
N ASN B 202 -17.53 -25.09 -11.09
CA ASN B 202 -18.82 -24.42 -10.98
C ASN B 202 -18.66 -22.92 -11.19
N LEU B 203 -17.61 -22.33 -10.65
CA LEU B 203 -17.38 -20.90 -10.83
C LEU B 203 -17.01 -20.54 -12.27
N VAL B 204 -16.15 -21.36 -12.89
CA VAL B 204 -15.74 -21.09 -14.27
C VAL B 204 -16.92 -21.27 -15.20
N LYS B 205 -17.73 -22.29 -14.95
CA LYS B 205 -18.89 -22.56 -15.77
C LYS B 205 -19.77 -21.33 -15.78
N LYS B 206 -20.04 -20.79 -14.59
CA LYS B 206 -20.89 -19.60 -14.45
C LYS B 206 -20.32 -18.33 -15.06
N TYR B 207 -19.02 -18.11 -14.89
CA TYR B 207 -18.37 -16.91 -15.41
C TYR B 207 -17.90 -17.01 -16.86
N SER B 208 -18.02 -18.20 -17.46
CA SER B 208 -17.59 -18.38 -18.84
C SER B 208 -18.74 -18.47 -19.84
N GLN B 209 -19.97 -18.40 -19.35
CA GLN B 209 -21.14 -18.50 -20.22
C GLN B 209 -21.20 -17.57 -21.43
N PHE B 210 -20.82 -16.32 -21.24
CA PHE B 210 -20.87 -15.38 -22.35
C PHE B 210 -19.49 -14.98 -22.89
N ILE B 211 -18.53 -15.91 -22.79
CA ILE B 211 -17.18 -15.70 -23.30
C ILE B 211 -17.13 -16.51 -24.59
N ASN B 212 -16.78 -15.86 -25.69
CA ASN B 212 -16.75 -16.52 -27.00
C ASN B 212 -15.53 -17.37 -27.34
N PHE B 213 -14.77 -17.75 -26.33
CA PHE B 213 -13.59 -18.56 -26.52
C PHE B 213 -13.77 -19.74 -25.60
N PRO B 214 -13.32 -20.93 -26.00
CA PRO B 214 -13.48 -22.09 -25.12
C PRO B 214 -12.64 -21.98 -23.87
N ILE B 215 -13.26 -22.30 -22.74
CA ILE B 215 -12.58 -22.24 -21.45
C ILE B 215 -12.55 -23.63 -20.82
N TYR B 216 -11.35 -24.10 -20.52
CA TYR B 216 -11.14 -25.43 -19.95
C TYR B 216 -10.60 -25.41 -18.52
N VAL B 217 -10.91 -26.46 -17.79
CA VAL B 217 -10.41 -26.63 -16.43
C VAL B 217 -9.75 -27.99 -16.39
N TRP B 218 -8.49 -28.03 -15.98
CA TRP B 218 -7.75 -29.28 -15.89
C TRP B 218 -8.43 -30.13 -14.81
N SER B 219 -9.05 -31.23 -15.20
CA SER B 219 -9.79 -32.08 -14.25
C SER B 219 -9.46 -33.56 -14.29
N SER B 220 -10.08 -34.29 -13.37
CA SER B 220 -9.91 -35.73 -13.25
C SER B 220 -11.20 -36.44 -13.66
N LYS B 221 -11.07 -37.59 -14.31
CA LYS B 221 -12.24 -38.36 -14.75
C LYS B 221 -12.12 -39.82 -14.36
N THR B 228 -8.42 -43.14 -13.45
CA THR B 228 -8.01 -41.82 -12.97
C THR B 228 -7.21 -41.10 -14.05
N VAL B 229 -7.91 -40.47 -14.98
CA VAL B 229 -7.26 -39.75 -16.08
C VAL B 229 -7.48 -38.24 -15.99
N TRP B 230 -6.39 -37.49 -16.12
CA TRP B 230 -6.46 -36.04 -16.07
C TRP B 230 -6.43 -35.42 -17.45
N ASP B 231 -7.29 -34.44 -17.68
CA ASP B 231 -7.34 -33.78 -18.97
C ASP B 231 -8.12 -32.48 -18.91
N TRP B 232 -8.10 -31.73 -20.00
CA TRP B 232 -8.82 -30.47 -20.08
C TRP B 232 -10.31 -30.74 -20.26
N GLU B 233 -11.13 -30.13 -19.40
CA GLU B 233 -12.57 -30.29 -19.48
C GLU B 233 -13.20 -28.98 -19.92
N LEU B 234 -13.95 -29.02 -21.02
CA LEU B 234 -14.63 -27.84 -21.57
C LEU B 234 -15.70 -27.35 -20.59
N MET B 235 -15.63 -26.07 -20.24
CA MET B 235 -16.58 -25.46 -19.31
C MET B 235 -17.67 -24.59 -19.93
N ASN B 236 -17.57 -24.29 -21.21
CA ASN B 236 -18.55 -23.45 -21.88
C ASN B 236 -18.76 -23.81 -23.37
O53 N5O C . 10.68 3.73 10.81
C52 N5O C . 9.60 4.08 11.68
C51 N5O C . 9.19 5.53 11.42
N5' N5O C . 10.39 6.36 11.20
C5' N5O C . 10.62 7.18 12.21
O5' N5O C . 9.74 7.28 13.25
C4' N5O C . 11.89 8.04 12.21
O4' N5O C . 11.54 9.40 11.90
C3' N5O C . 12.50 8.05 13.62
O3' N5O C . 13.53 7.07 13.68
C2' N5O C . 13.12 9.45 13.70
O2' N5O C . 14.43 9.42 13.12
C1' N5O C . 12.20 10.28 12.83
N9 N5O C . 11.18 10.98 13.65
C8 N5O C . 9.94 10.56 13.91
N7 N5O C . 9.32 11.44 14.68
C5 N5O C . 10.15 12.44 14.92
C4 N5O C . 11.35 12.15 14.27
N3 N5O C . 12.37 13.02 14.35
C2 N5O C . 12.28 14.16 15.02
N1 N5O C . 11.19 14.52 15.65
C6 N5O C . 10.10 13.73 15.67
N6 N5O C . 9.00 14.09 16.33
O1 PG4 D . 1.31 27.28 12.94
C1 PG4 D . 2.34 26.92 12.00
C2 PG4 D . 2.79 25.49 12.29
O2 PG4 D . 1.84 24.57 11.76
C3 PG4 D . 2.31 23.25 12.04
C4 PG4 D . 1.33 22.21 11.51
O3 PG4 D . 1.04 22.52 10.15
C5 PG4 D . 0.13 21.54 9.66
C6 PG4 D . -0.20 21.87 8.20
O4 PG4 D . -1.43 22.59 8.17
C7 PG4 D . -1.73 22.90 6.82
C8 PG4 D . -3.06 23.67 6.74
O5 PG4 D . -3.04 24.77 7.66
O1 PG4 E . 1.29 25.25 16.58
C1 PG4 E . 1.23 24.01 15.87
C2 PG4 E . 0.05 24.04 14.89
O2 PG4 E . -1.07 24.73 15.45
C3 PG4 E . -2.10 24.69 14.45
C4 PG4 E . -3.40 25.38 14.92
O3 PG4 E . -3.20 26.24 16.04
C5 PG4 E . -4.50 26.76 16.35
C6 PG4 E . -4.43 27.72 17.54
O4 PG4 E . -3.50 27.27 18.53
C7 PG4 E . -3.51 28.24 19.59
C8 PG4 E . -2.51 27.81 20.68
O5 PG4 E . -1.18 27.86 20.14
O1 PG4 F . 16.32 6.80 17.66
C1 PG4 F . 16.08 6.18 18.92
C2 PG4 F . 15.97 7.26 20.00
O2 PG4 F . 17.26 7.67 20.41
C3 PG4 F . 17.08 8.68 21.40
C4 PG4 F . 18.45 9.16 21.90
O3 PG4 F . 19.32 9.32 20.78
C5 PG4 F . 20.57 9.75 21.30
C6 PG4 F . 21.55 9.95 20.14
O4 PG4 F . 21.79 8.70 19.51
C7 PG4 F . 22.70 8.94 18.44
C8 PG4 F . 23.00 7.62 17.73
O5 PG4 F . 22.44 7.67 16.41
O1 PG4 G . 5.98 6.34 -8.90
C1 PG4 G . 5.76 7.06 -7.68
C2 PG4 G . 6.89 8.06 -7.50
O2 PG4 G . 7.97 7.45 -6.77
C3 PG4 G . 9.03 8.42 -6.61
C4 PG4 G . 10.23 7.84 -5.82
O3 PG4 G . 9.91 6.52 -5.34
C5 PG4 G . 11.05 6.04 -4.61
C6 PG4 G . 10.78 4.63 -4.07
O4 PG4 G . 11.22 3.66 -5.03
C7 PG4 G . 10.94 2.37 -4.49
C8 PG4 G . 11.40 1.29 -5.48
O5 PG4 G . 11.18 1.72 -6.83
MG MG H . 13.78 -7.36 -23.77
O53 N5O I . -6.23 -1.18 -15.09
C52 N5O I . -5.75 -1.84 -13.92
C51 N5O I . -5.24 -3.24 -14.29
N5' N5O I . -4.47 -3.16 -15.53
C5' N5O I . -4.85 -4.10 -16.40
O5' N5O I . -5.66 -5.13 -16.02
C4' N5O I . -4.36 -4.03 -17.85
O4' N5O I . -3.35 -5.04 -18.05
C3' N5O I . -5.51 -4.35 -18.80
O3' N5O I . -6.13 -3.13 -19.23
C2' N5O I . -4.78 -4.99 -19.98
O2' N5O I . -4.23 -3.98 -20.80
C1' N5O I . -3.64 -5.75 -19.27
N9 N5O I . -4.03 -7.14 -18.99
C8 N5O I . -4.57 -7.60 -17.86
N7 N5O I . -4.76 -8.91 -17.93
C5 N5O I . -4.33 -9.30 -19.13
C4 N5O I . -3.86 -8.18 -19.80
N3 N5O I . -3.38 -8.31 -21.05
C2 N5O I . -3.32 -9.48 -21.68
N1 N5O I . -3.74 -10.61 -21.11
C6 N5O I . -4.25 -10.62 -19.87
N6 N5O I . -4.66 -11.76 -19.32
O1 PG4 J . 5.20 -23.74 -16.87
C1 PG4 J . 5.76 -22.54 -17.41
C2 PG4 J . 4.72 -21.43 -17.36
O2 PG4 J . 4.56 -20.99 -16.00
C3 PG4 J . 3.58 -19.95 -16.01
C4 PG4 J . 3.37 -19.42 -14.58
O3 PG4 J . 4.61 -19.34 -13.92
C5 PG4 J . 4.36 -18.84 -12.61
C6 PG4 J . 5.68 -18.76 -11.85
O4 PG4 J . 5.92 -20.02 -11.23
C7 PG4 J . 7.15 -19.94 -10.52
C8 PG4 J . 7.41 -21.28 -9.84
O5 PG4 J . 7.53 -22.29 -10.83
O1 PG4 K . 0.74 -23.08 -17.70
C1 PG4 K . 0.37 -23.03 -16.33
C2 PG4 K . 1.54 -23.50 -15.48
O2 PG4 K . 1.17 -24.66 -14.76
C3 PG4 K . 2.30 -25.05 -13.99
C4 PG4 K . 1.96 -26.32 -13.19
O3 PG4 K . 1.62 -27.38 -14.08
C5 PG4 K . 1.30 -28.53 -13.28
C6 PG4 K . 0.92 -29.72 -14.18
O4 PG4 K . 0.01 -29.28 -15.20
C7 PG4 K . -0.30 -30.40 -16.01
C8 PG4 K . -1.26 -29.98 -17.12
O5 PG4 K . -0.59 -29.17 -18.08
O1 PG4 L . 7.79 -22.91 -28.70
C1 PG4 L . 7.46 -22.12 -27.54
C2 PG4 L . 6.29 -22.76 -26.78
O2 PG4 L . 5.20 -22.95 -27.68
C3 PG4 L . 4.13 -23.55 -26.94
C4 PG4 L . 2.95 -23.76 -27.89
O3 PG4 L . 3.44 -24.34 -29.11
C5 PG4 L . 2.32 -24.53 -29.98
C6 PG4 L . 2.82 -25.14 -31.29
O4 PG4 L . 2.97 -24.12 -32.28
C7 PG4 L . 3.44 -24.77 -33.46
C8 PG4 L . 3.63 -23.73 -34.58
O5 PG4 L . 2.39 -23.52 -35.24
O1 PG4 M . -19.63 -24.42 -5.94
C1 PG4 M . -19.18 -25.02 -4.73
C2 PG4 M . -19.01 -26.52 -4.93
O2 PG4 M . -20.28 -27.10 -5.20
C3 PG4 M . -20.06 -28.51 -5.38
C4 PG4 M . -21.40 -29.19 -5.68
O3 PG4 M . -21.77 -28.94 -7.03
C5 PG4 M . -23.02 -29.59 -7.26
C6 PG4 M . -23.47 -29.34 -8.71
O4 PG4 M . -24.23 -28.14 -8.77
C7 PG4 M . -24.61 -27.96 -10.14
C8 PG4 M . -25.43 -26.69 -10.28
O5 PG4 M . -24.56 -25.55 -10.38
OH2 1PE N . -3.68 -5.05 1.29
C12 1PE N . -4.25 -3.97 0.55
C22 1PE N . -3.33 -3.63 -0.62
OH3 1PE N . -2.70 -2.37 -0.39
C13 1PE N . -1.15 -0.78 -1.34
C23 1PE N . -1.86 -2.12 -1.51
OH4 1PE N . -0.64 -0.66 0.00
C14 1PE N . 0.54 0.79 1.50
C24 1PE N . -0.01 0.61 0.09
OH5 1PE N . -0.50 0.57 2.45
C15 1PE N . -0.98 0.51 4.81
C25 1PE N . 0.07 0.75 3.73
OH6 1PE N . -2.26 0.84 4.31
C16 1PE N . -4.60 0.93 4.88
C26 1PE N . -3.19 0.58 5.35
OH7 1PE N . -4.68 2.34 4.64
#